data_5DNU
#
_entry.id   5DNU
#
_cell.length_a   75.757
_cell.length_b   75.757
_cell.length_c   181.266
_cell.angle_alpha   90.00
_cell.angle_beta   90.00
_cell.angle_gamma   120.00
#
_symmetry.space_group_name_H-M   'P 61 2 2'
#
loop_
_entity.id
_entity.type
_entity.pdbx_description
1 polymer ShKAI2iB
2 non-polymer 3-methyl-2H-furo[2,3-c]pyran-2-one
3 non-polymer 'FORMIC ACID'
4 non-polymer 'SODIUM ION'
5 non-polymer 1,2-ETHANEDIOL
6 non-polymer 'BENZOIC ACID'
7 water water
#
_entity_poly.entity_id   1
_entity_poly.type   'polypeptide(L)'
_entity_poly.pdbx_seq_one_letter_code
;GPLGSMNRVEAARNVHIVGSGDTTVVLGHGFGTDQSVWKHLVPYLVDSYRVLLYDNMGAGSTNPEYFHFERYSTLQGYAH
DLLVILHEFNIRSCIFVGHSLSAMTGAIASIIRPDLFQKIVMLSASPRFLNTADYLGGFEPADVEQLAGAIEANYKSWVS
GFAPMVVGGDMDSVAVQEFSRTLFNMRPDIARSVFRTIFTSDLRDYLGRVTVPCHIIQSSRDMAVPVSVAGYIHNRVGGR
SVVEVMNTEGHLPQLSAPEVAIPVLLRHIKNDIDS
;
_entity_poly.pdbx_strand_id   A
#
loop_
_chem_comp.id
_chem_comp.type
_chem_comp.name
_chem_comp.formula
BEZ non-polymer 'BENZOIC ACID' 'C7 H6 O2'
EDO non-polymer 1,2-ETHANEDIOL 'C2 H6 O2'
FMT non-polymer 'FORMIC ACID' 'C H2 O2'
KKN non-polymer 3-methyl-2H-furo[2,3-c]pyran-2-one 'C8 H6 O3'
NA non-polymer 'SODIUM ION' 'Na 1'
#
# COMPACT_ATOMS: atom_id res chain seq x y z
N ARG A 8 -15.11 -7.99 -16.00
CA ARG A 8 -15.13 -8.76 -14.75
C ARG A 8 -14.29 -8.01 -13.74
N VAL A 9 -14.92 -7.70 -12.64
CA VAL A 9 -14.21 -7.13 -11.53
C VAL A 9 -13.16 -8.11 -11.03
N GLU A 10 -13.46 -9.40 -11.14
CA GLU A 10 -12.52 -10.42 -10.71
C GLU A 10 -11.19 -10.28 -11.48
N ALA A 11 -11.26 -9.92 -12.76
CA ALA A 11 -10.05 -9.76 -13.57
C ALA A 11 -9.21 -8.58 -13.10
N ALA A 12 -9.88 -7.51 -12.71
CA ALA A 12 -9.17 -6.33 -12.22
C ALA A 12 -8.43 -6.60 -10.91
N ARG A 13 -9.06 -7.37 -10.03
CA ARG A 13 -8.49 -7.67 -8.72
C ARG A 13 -7.38 -8.73 -8.80
N ASN A 14 -7.52 -9.70 -9.72
CA ASN A 14 -6.52 -10.73 -9.84
C ASN A 14 -6.15 -11.37 -8.51
N VAL A 15 -7.17 -11.81 -7.76
CA VAL A 15 -6.93 -12.44 -6.48
C VAL A 15 -6.17 -13.75 -6.70
N HIS A 16 -5.10 -13.96 -5.92
CA HIS A 16 -4.29 -15.17 -5.99
C HIS A 16 -3.98 -15.64 -4.62
N ILE A 17 -4.05 -16.94 -4.42
CA ILE A 17 -3.88 -17.54 -3.12
C ILE A 17 -2.72 -18.51 -3.19
N VAL A 18 -1.92 -18.56 -2.13
CA VAL A 18 -0.85 -19.53 -1.98
C VAL A 18 -0.71 -19.84 -0.50
N GLY A 19 -0.11 -20.96 -0.15
CA GLY A 19 0.10 -21.30 1.24
C GLY A 19 -1.09 -21.95 1.89
N SER A 20 -0.99 -22.16 3.18
CA SER A 20 -2.06 -22.77 3.96
C SER A 20 -1.87 -22.49 5.44
N GLY A 21 -2.95 -22.53 6.17
CA GLY A 21 -2.93 -22.35 7.63
C GLY A 21 -4.24 -21.88 8.18
N ASP A 22 -4.31 -21.76 9.52
CA ASP A 22 -5.54 -21.33 10.18
C ASP A 22 -5.81 -19.84 10.04
N THR A 23 -4.79 -19.07 9.68
CA THR A 23 -4.88 -17.64 9.51
C THR A 23 -4.50 -17.27 8.10
N THR A 24 -5.28 -16.36 7.51
CA THR A 24 -4.96 -15.79 6.24
C THR A 24 -4.26 -14.43 6.39
N VAL A 25 -3.17 -14.28 5.68
CA VAL A 25 -2.51 -12.99 5.50
C VAL A 25 -2.96 -12.41 4.19
N VAL A 26 -3.54 -11.22 4.17
CA VAL A 26 -3.95 -10.55 2.97
C VAL A 26 -2.92 -9.48 2.66
N LEU A 27 -2.39 -9.47 1.44
CA LEU A 27 -1.34 -8.53 1.07
C LEU A 27 -1.86 -7.55 0.03
N GLY A 28 -1.81 -6.26 0.37
CA GLY A 28 -2.17 -5.17 -0.53
C GLY A 28 -0.97 -4.40 -0.96
N HIS A 29 -1.04 -3.79 -2.15
CA HIS A 29 0.12 -3.08 -2.68
C HIS A 29 -0.19 -1.61 -2.93
N GLY A 30 0.87 -0.85 -3.14
CA GLY A 30 0.75 0.60 -3.39
C GLY A 30 0.69 0.98 -4.84
N PHE A 31 0.44 2.24 -5.07
CA PHE A 31 0.37 2.76 -6.43
C PHE A 31 1.64 2.49 -7.21
N GLY A 32 1.47 2.04 -8.45
CA GLY A 32 2.58 1.87 -9.38
C GLY A 32 3.17 0.50 -9.42
N THR A 33 2.90 -0.31 -8.38
CA THR A 33 3.37 -1.68 -8.29
C THR A 33 2.19 -2.64 -8.42
N ASP A 34 2.38 -3.90 -8.07
CA ASP A 34 1.28 -4.88 -8.04
C ASP A 34 1.65 -5.93 -7.02
N GLN A 35 0.93 -7.06 -7.02
CA GLN A 35 1.17 -8.04 -5.98
C GLN A 35 2.58 -8.65 -6.02
N SER A 36 3.26 -8.53 -7.17
CA SER A 36 4.65 -9.00 -7.24
C SER A 36 5.61 -8.21 -6.36
N VAL A 37 5.19 -7.06 -5.81
CA VAL A 37 6.02 -6.34 -4.89
C VAL A 37 6.34 -7.17 -3.64
N TRP A 38 5.48 -8.17 -3.37
CA TRP A 38 5.61 -9.00 -2.20
C TRP A 38 6.41 -10.29 -2.44
N LYS A 39 7.15 -10.34 -3.54
CA LYS A 39 7.86 -11.54 -3.94
C LYS A 39 8.89 -12.02 -2.94
N HIS A 40 9.46 -11.11 -2.14
CA HIS A 40 10.44 -11.52 -1.11
C HIS A 40 9.84 -11.79 0.26
N LEU A 41 8.54 -11.56 0.41
CA LEU A 41 7.86 -11.87 1.67
C LEU A 41 7.14 -13.20 1.59
N VAL A 42 6.40 -13.42 0.49
CA VAL A 42 5.54 -14.62 0.38
C VAL A 42 6.25 -15.94 0.69
N PRO A 43 7.50 -16.16 0.21
CA PRO A 43 8.13 -17.45 0.53
C PRO A 43 8.22 -17.77 2.01
N TYR A 44 8.25 -16.76 2.86
CA TYR A 44 8.44 -16.90 4.29
C TYR A 44 7.14 -16.94 5.06
N LEU A 45 6.02 -16.83 4.34
CA LEU A 45 4.69 -16.93 4.95
C LEU A 45 4.00 -18.24 4.68
N VAL A 46 4.26 -18.87 3.52
CA VAL A 46 3.40 -19.95 3.06
C VAL A 46 3.42 -21.18 3.92
N ASP A 47 4.49 -21.42 4.69
CA ASP A 47 4.51 -22.54 5.60
C ASP A 47 3.46 -22.44 6.68
N SER A 48 3.17 -21.22 7.12
CA SER A 48 2.38 -20.95 8.33
C SER A 48 0.99 -20.35 8.04
N TYR A 49 0.87 -19.70 6.90
CA TYR A 49 -0.31 -18.90 6.59
C TYR A 49 -0.82 -19.18 5.20
N ARG A 50 -2.13 -19.11 5.05
CA ARG A 50 -2.72 -18.91 3.74
CA ARG A 50 -2.74 -18.91 3.74
C ARG A 50 -2.48 -17.46 3.38
N VAL A 51 -2.06 -17.19 2.15
CA VAL A 51 -1.72 -15.82 1.69
C VAL A 51 -2.62 -15.48 0.53
N LEU A 52 -3.35 -14.37 0.64
CA LEU A 52 -4.19 -13.90 -0.40
C LEU A 52 -3.60 -12.58 -0.88
N LEU A 53 -3.28 -12.51 -2.15
CA LEU A 53 -2.78 -11.30 -2.80
C LEU A 53 -3.78 -10.78 -3.78
N TYR A 54 -3.80 -9.46 -3.95
CA TYR A 54 -4.67 -8.87 -4.94
C TYR A 54 -4.02 -7.64 -5.53
N ASP A 55 -4.51 -7.22 -6.69
CA ASP A 55 -4.05 -6.04 -7.36
C ASP A 55 -5.10 -4.94 -7.25
N ASN A 56 -4.63 -3.70 -7.18
CA ASN A 56 -5.48 -2.53 -7.00
C ASN A 56 -4.82 -1.27 -7.57
N MET A 57 -5.48 -0.13 -7.39
CA MET A 57 -5.02 1.18 -7.80
C MET A 57 -4.55 1.25 -9.26
N GLY A 58 -5.30 0.55 -10.11
CA GLY A 58 -5.03 0.59 -11.54
C GLY A 58 -4.02 -0.40 -12.04
N ALA A 59 -3.47 -1.24 -11.17
CA ALA A 59 -2.46 -2.19 -11.60
C ALA A 59 -3.05 -3.16 -12.60
N GLY A 60 -2.24 -3.51 -13.60
CA GLY A 60 -2.64 -4.46 -14.64
C GLY A 60 -3.64 -3.93 -15.63
N SER A 61 -3.86 -2.62 -15.65
CA SER A 61 -4.91 -2.07 -16.51
C SER A 61 -4.52 -1.99 -17.99
N THR A 62 -3.32 -2.39 -18.36
CA THR A 62 -3.05 -2.66 -19.78
C THR A 62 -3.59 -4.01 -20.24
N ASN A 63 -3.98 -4.90 -19.33
CA ASN A 63 -4.66 -6.16 -19.69
C ASN A 63 -5.95 -5.83 -20.44
N PRO A 64 -6.19 -6.47 -21.59
CA PRO A 64 -7.49 -6.31 -22.32
C PRO A 64 -8.76 -6.57 -21.48
N GLU A 65 -8.68 -7.52 -20.54
CA GLU A 65 -9.84 -7.90 -19.71
C GLU A 65 -10.07 -6.95 -18.53
N TYR A 66 -9.15 -6.01 -18.28
CA TYR A 66 -9.31 -4.98 -17.25
C TYR A 66 -10.34 -3.93 -17.65
N PHE A 67 -11.28 -3.66 -16.74
CA PHE A 67 -12.18 -2.53 -16.87
C PHE A 67 -12.09 -1.70 -15.59
N HIS A 68 -12.00 -0.37 -15.72
CA HIS A 68 -11.85 0.50 -14.54
C HIS A 68 -13.22 0.83 -13.98
N PHE A 69 -13.73 -0.09 -13.17
CA PHE A 69 -15.03 0.04 -12.56
C PHE A 69 -15.19 1.35 -11.81
N GLU A 70 -16.41 1.84 -11.79
CA GLU A 70 -16.73 3.11 -11.14
CA GLU A 70 -16.77 3.10 -11.15
C GLU A 70 -16.31 3.15 -9.68
N ARG A 71 -16.38 2.03 -8.99
CA ARG A 71 -15.99 2.01 -7.60
C ARG A 71 -14.57 2.48 -7.40
N TYR A 72 -13.69 2.29 -8.39
CA TYR A 72 -12.29 2.62 -8.27
C TYR A 72 -11.98 4.10 -8.42
N SER A 73 -13.02 4.94 -8.49
CA SER A 73 -12.84 6.39 -8.53
C SER A 73 -12.38 7.00 -7.23
N THR A 74 -12.55 6.26 -6.11
CA THR A 74 -12.16 6.78 -4.81
C THR A 74 -11.47 5.70 -3.98
N LEU A 75 -10.71 6.15 -2.98
CA LEU A 75 -10.12 5.18 -2.04
C LEU A 75 -11.17 4.47 -1.20
N GLN A 76 -12.28 5.15 -0.92
CA GLN A 76 -13.41 4.51 -0.24
C GLN A 76 -13.94 3.37 -1.09
N GLY A 77 -13.99 3.55 -2.41
CA GLY A 77 -14.44 2.46 -3.28
C GLY A 77 -13.50 1.29 -3.26
N TYR A 78 -12.20 1.55 -3.23
CA TYR A 78 -11.25 0.46 -3.03
C TYR A 78 -11.44 -0.23 -1.68
N ALA A 79 -11.73 0.52 -0.61
CA ALA A 79 -12.00 -0.11 0.66
C ALA A 79 -13.22 -1.00 0.60
N HIS A 80 -14.28 -0.53 -0.05
CA HIS A 80 -15.47 -1.35 -0.25
C HIS A 80 -15.11 -2.63 -1.03
N ASP A 81 -14.34 -2.47 -2.10
CA ASP A 81 -13.98 -3.62 -2.91
C ASP A 81 -13.17 -4.64 -2.10
N LEU A 82 -12.30 -4.16 -1.22
CA LEU A 82 -11.57 -5.07 -0.33
C LEU A 82 -12.53 -5.86 0.54
N LEU A 83 -13.54 -5.21 1.10
CA LEU A 83 -14.53 -5.93 1.86
C LEU A 83 -15.25 -6.98 1.03
N VAL A 84 -15.53 -6.66 -0.23
CA VAL A 84 -16.13 -7.67 -1.12
C VAL A 84 -15.21 -8.86 -1.31
N ILE A 85 -13.92 -8.60 -1.50
CA ILE A 85 -12.95 -9.67 -1.61
C ILE A 85 -12.95 -10.53 -0.35
N LEU A 86 -12.93 -9.91 0.81
CA LEU A 86 -12.90 -10.69 2.04
C LEU A 86 -14.13 -11.60 2.15
N HIS A 87 -15.27 -11.08 1.74
CA HIS A 87 -16.49 -11.88 1.72
C HIS A 87 -16.44 -13.03 0.75
N GLU A 88 -16.03 -12.72 -0.47
CA GLU A 88 -16.05 -13.73 -1.52
C GLU A 88 -15.05 -14.85 -1.26
N PHE A 89 -13.92 -14.56 -0.63
CA PHE A 89 -12.90 -15.57 -0.27
C PHE A 89 -12.96 -16.09 1.14
N ASN A 90 -14.12 -15.88 1.77
CA ASN A 90 -14.45 -16.51 3.05
C ASN A 90 -13.46 -16.22 4.14
N ILE A 91 -13.02 -14.98 4.20
CA ILE A 91 -11.99 -14.62 5.12
C ILE A 91 -12.56 -14.45 6.53
N ARG A 92 -11.84 -14.91 7.55
CA ARG A 92 -12.38 -14.95 8.92
C ARG A 92 -11.90 -13.83 9.83
N SER A 93 -10.56 -13.63 9.98
CA SER A 93 -9.87 -12.71 10.93
C SER A 93 -8.44 -12.62 10.38
N CYS A 94 -8.32 -11.92 9.27
CA CYS A 94 -7.05 -11.91 8.54
C CYS A 94 -6.04 -11.01 9.19
N ILE A 95 -4.79 -11.25 8.85
CA ILE A 95 -3.73 -10.32 9.10
C ILE A 95 -3.55 -9.54 7.81
N PHE A 96 -3.92 -8.26 7.82
CA PHE A 96 -3.87 -7.45 6.60
C PHE A 96 -2.57 -6.68 6.57
N VAL A 97 -1.78 -6.88 5.51
CA VAL A 97 -0.51 -6.18 5.35
C VAL A 97 -0.67 -5.28 4.16
N GLY A 98 -0.70 -3.96 4.39
CA GLY A 98 -0.93 -3.03 3.31
C GLY A 98 0.26 -2.17 3.07
N HIS A 99 0.79 -2.20 1.84
CA HIS A 99 1.82 -1.26 1.42
C HIS A 99 1.18 0.02 0.92
N SER A 100 1.75 1.13 1.40
CA SER A 100 1.39 2.48 0.94
C SER A 100 -0.10 2.67 1.08
N LEU A 101 -0.80 3.18 0.06
CA LEU A 101 -2.20 3.51 0.26
C LEU A 101 -3.06 2.31 0.56
N SER A 102 -2.64 1.09 0.23
CA SER A 102 -3.46 -0.06 0.63
C SER A 102 -3.49 -0.22 2.16
N ALA A 103 -2.52 0.35 2.89
CA ALA A 103 -2.67 0.38 4.37
C ALA A 103 -3.89 1.16 4.77
N MET A 104 -4.16 2.24 4.04
CA MET A 104 -5.31 3.11 4.33
C MET A 104 -6.60 2.53 3.84
N THR A 105 -6.62 1.90 2.68
CA THR A 105 -7.85 1.21 2.27
C THR A 105 -8.18 0.09 3.25
N GLY A 106 -7.16 -0.62 3.73
CA GLY A 106 -7.38 -1.60 4.75
C GLY A 106 -7.90 -1.00 6.04
N ALA A 107 -7.31 0.12 6.47
CA ALA A 107 -7.80 0.79 7.66
C ALA A 107 -9.25 1.21 7.54
N ILE A 108 -9.61 1.81 6.42
CA ILE A 108 -10.99 2.23 6.16
C ILE A 108 -11.93 1.05 6.22
N ALA A 109 -11.55 -0.05 5.56
CA ALA A 109 -12.35 -1.26 5.56
C ALA A 109 -12.51 -1.81 6.97
N SER A 110 -11.43 -1.74 7.77
CA SER A 110 -11.46 -2.31 9.11
C SER A 110 -12.39 -1.57 10.04
N ILE A 111 -12.73 -0.32 9.75
CA ILE A 111 -13.68 0.42 10.55
C ILE A 111 -15.09 -0.17 10.35
N ILE A 112 -15.35 -0.66 9.15
CA ILE A 112 -16.64 -1.23 8.79
C ILE A 112 -16.76 -2.68 9.22
N ARG A 113 -15.68 -3.45 9.07
CA ARG A 113 -15.68 -4.87 9.45
C ARG A 113 -14.45 -5.17 10.32
N PRO A 114 -14.40 -4.61 11.53
CA PRO A 114 -13.26 -4.88 12.39
C PRO A 114 -13.15 -6.34 12.78
N ASP A 115 -14.28 -7.04 12.75
CA ASP A 115 -14.30 -8.47 13.04
C ASP A 115 -13.51 -9.31 12.02
N LEU A 116 -13.26 -8.76 10.83
CA LEU A 116 -12.53 -9.47 9.80
C LEU A 116 -11.03 -9.25 9.83
N PHE A 117 -10.55 -8.35 10.70
CA PHE A 117 -9.17 -8.01 10.77
C PHE A 117 -8.60 -8.34 12.15
N GLN A 118 -7.68 -9.31 12.21
CA GLN A 118 -6.95 -9.56 13.44
C GLN A 118 -6.05 -8.36 13.77
N LYS A 119 -5.39 -7.84 12.74
CA LYS A 119 -4.49 -6.71 12.84
C LYS A 119 -4.28 -6.14 11.46
N ILE A 120 -3.70 -4.95 11.42
CA ILE A 120 -3.17 -4.36 10.21
C ILE A 120 -1.69 -4.13 10.42
N VAL A 121 -0.90 -4.56 9.44
CA VAL A 121 0.50 -4.20 9.35
C VAL A 121 0.65 -3.23 8.19
N MET A 122 1.00 -2.00 8.53
CA MET A 122 1.16 -0.93 7.55
C MET A 122 2.61 -0.81 7.15
N LEU A 123 2.89 -0.71 5.84
CA LEU A 123 4.24 -0.50 5.36
C LEU A 123 4.26 0.71 4.45
N SER A 124 5.03 1.75 4.83
CA SER A 124 5.12 2.99 4.03
C SER A 124 3.77 3.73 3.95
N ALA A 125 2.96 3.64 5.01
CA ALA A 125 1.65 4.25 5.00
C ALA A 125 1.68 5.74 5.28
N SER A 126 0.72 6.44 4.70
CA SER A 126 0.46 7.84 5.02
C SER A 126 -1.02 8.13 4.87
N PRO A 127 -1.60 8.91 5.78
CA PRO A 127 -2.98 9.30 5.62
C PRO A 127 -3.19 10.49 4.70
N ARG A 128 -2.11 11.16 4.31
CA ARG A 128 -2.21 12.37 3.50
C ARG A 128 -0.81 12.84 3.13
N PHE A 129 -0.56 13.01 1.83
CA PHE A 129 0.74 13.49 1.38
C PHE A 129 0.91 15.01 1.43
N LEU A 130 -0.13 15.76 1.10
CA LEU A 130 0.00 17.22 1.02
C LEU A 130 0.07 17.83 2.41
N ASN A 131 1.02 18.73 2.60
CA ASN A 131 1.11 19.45 3.85
C ASN A 131 -0.09 20.34 4.09
N THR A 132 -0.31 20.67 5.35
CA THR A 132 -1.13 21.82 5.71
C THR A 132 -0.21 22.73 6.55
N ALA A 133 -0.74 23.82 7.05
CA ALA A 133 0.01 24.65 7.96
C ALA A 133 0.41 23.90 9.24
N ASP A 134 -0.37 22.86 9.59
CA ASP A 134 -0.22 22.17 10.87
C ASP A 134 0.16 20.70 10.77
N TYR A 135 0.25 20.18 9.54
CA TYR A 135 0.46 18.74 9.28
C TYR A 135 1.55 18.62 8.23
N LEU A 136 2.54 17.77 8.53
CA LEU A 136 3.62 17.44 7.61
C LEU A 136 3.36 16.10 6.94
N GLY A 137 2.92 16.15 5.70
CA GLY A 137 2.80 14.98 4.87
C GLY A 137 4.00 14.72 3.98
N GLY A 138 4.80 15.75 3.75
CA GLY A 138 6.02 15.62 2.97
C GLY A 138 6.03 16.37 1.64
N PHE A 139 4.88 16.93 1.25
CA PHE A 139 4.74 17.60 -0.04
C PHE A 139 4.09 18.97 0.11
N GLU A 140 4.76 19.97 -0.47
CA GLU A 140 4.10 21.26 -0.74
C GLU A 140 3.42 21.18 -2.10
N PRO A 141 2.53 22.14 -2.42
CA PRO A 141 1.89 22.13 -3.73
C PRO A 141 2.88 22.03 -4.90
N ALA A 142 3.98 22.78 -4.83
CA ALA A 142 4.98 22.71 -5.88
C ALA A 142 5.54 21.29 -6.07
N ASP A 143 5.69 20.57 -4.97
CA ASP A 143 6.23 19.23 -5.02
C ASP A 143 5.23 18.29 -5.70
N VAL A 144 3.94 18.44 -5.39
CA VAL A 144 2.94 17.60 -6.02
C VAL A 144 2.90 17.83 -7.51
N GLU A 145 2.93 19.11 -7.90
CA GLU A 145 2.86 19.44 -9.30
C GLU A 145 4.11 18.99 -10.08
N GLN A 146 5.27 19.10 -9.44
CA GLN A 146 6.51 18.60 -10.06
C GLN A 146 6.55 17.06 -10.14
N LEU A 147 6.01 16.33 -9.17
CA LEU A 147 6.01 14.87 -9.24
C LEU A 147 5.07 14.39 -10.33
N ALA A 148 3.97 15.10 -10.53
CA ALA A 148 3.02 14.77 -11.57
C ALA A 148 3.67 14.88 -12.92
N GLY A 149 4.36 16.00 -13.14
CA GLY A 149 5.25 16.18 -14.26
C GLY A 149 4.58 15.79 -15.56
N ALA A 150 5.18 14.86 -16.29
CA ALA A 150 4.74 14.53 -17.65
C ALA A 150 3.75 13.37 -17.69
N ILE A 151 3.09 13.07 -16.58
CA ILE A 151 2.28 11.85 -16.46
C ILE A 151 1.24 11.71 -17.57
N GLU A 152 0.64 12.84 -17.97
CA GLU A 152 -0.29 12.87 -19.14
C GLU A 152 0.34 13.35 -20.46
N ALA A 153 1.38 14.19 -20.40
CA ALA A 153 2.11 14.62 -21.62
C ALA A 153 2.88 13.49 -22.29
N ASN A 154 3.64 12.73 -21.48
CA ASN A 154 4.45 11.64 -21.97
C ASN A 154 4.70 10.60 -20.89
N TYR A 155 3.85 9.59 -20.90
CA TYR A 155 3.83 8.59 -19.83
C TYR A 155 5.19 7.92 -19.67
N LYS A 156 5.80 7.52 -20.80
CA LYS A 156 7.11 6.87 -20.78
C LYS A 156 8.20 7.70 -20.10
N SER A 157 8.25 8.99 -20.42
CA SER A 157 9.18 9.93 -19.79
C SER A 157 8.88 10.06 -18.30
N TRP A 158 7.60 10.22 -17.95
CA TRP A 158 7.20 10.34 -16.55
C TRP A 158 7.70 9.17 -15.72
N VAL A 159 7.50 7.94 -16.21
CA VAL A 159 7.93 6.72 -15.49
C VAL A 159 9.43 6.74 -15.24
N SER A 160 10.20 7.14 -16.26
CA SER A 160 11.66 7.11 -16.15
C SER A 160 12.17 8.01 -15.01
N GLY A 161 11.45 9.10 -14.73
CA GLY A 161 11.76 10.01 -13.61
C GLY A 161 11.09 9.61 -12.28
N PHE A 162 9.85 9.14 -12.36
CA PHE A 162 9.04 8.81 -11.19
C PHE A 162 9.60 7.61 -10.44
N ALA A 163 9.93 6.56 -11.19
CA ALA A 163 10.31 5.28 -10.59
C ALA A 163 11.56 5.36 -9.70
N PRO A 164 12.67 5.93 -10.21
CA PRO A 164 13.84 6.09 -9.33
C PRO A 164 13.62 7.01 -8.11
N MET A 165 12.78 8.03 -8.26
CA MET A 165 12.47 8.95 -7.17
C MET A 165 11.76 8.22 -6.02
N VAL A 166 10.73 7.45 -6.37
CA VAL A 166 9.90 6.77 -5.39
C VAL A 166 10.67 5.63 -4.71
N VAL A 167 11.33 4.81 -5.52
CA VAL A 167 12.04 3.63 -5.02
C VAL A 167 13.32 4.03 -4.26
N GLY A 168 13.94 5.12 -4.70
CA GLY A 168 15.19 5.58 -4.10
C GLY A 168 16.34 4.72 -4.57
N GLY A 169 17.52 5.02 -4.04
CA GLY A 169 18.72 4.29 -4.38
C GLY A 169 19.30 4.86 -5.66
N ASP A 170 19.13 4.12 -6.76
CA ASP A 170 19.72 4.50 -8.05
C ASP A 170 18.97 3.85 -9.21
N MET A 171 18.97 4.53 -10.36
CA MET A 171 18.11 4.19 -11.51
C MET A 171 18.33 2.77 -12.04
N ASP A 172 19.53 2.25 -11.86
CA ASP A 172 19.91 0.92 -12.34
C ASP A 172 19.32 -0.26 -11.55
N SER A 173 18.84 -0.03 -10.30
CA SER A 173 18.59 -1.16 -9.40
C SER A 173 17.45 -1.99 -9.94
N VAL A 174 17.46 -3.28 -9.61
CA VAL A 174 16.37 -4.18 -9.96
C VAL A 174 15.03 -3.63 -9.47
N ALA A 175 15.02 -3.01 -8.28
CA ALA A 175 13.77 -2.49 -7.73
C ALA A 175 13.19 -1.38 -8.58
N VAL A 176 14.04 -0.49 -9.10
CA VAL A 176 13.59 0.57 -10.01
C VAL A 176 13.10 -0.06 -11.30
N GLN A 177 13.86 -1.02 -11.84
CA GLN A 177 13.38 -1.75 -13.03
C GLN A 177 12.02 -2.42 -12.84
N GLU A 178 11.83 -3.06 -11.69
CA GLU A 178 10.56 -3.70 -11.39
C GLU A 178 9.41 -2.73 -11.29
N PHE A 179 9.65 -1.62 -10.60
CA PHE A 179 8.61 -0.62 -10.42
C PHE A 179 8.25 0.03 -11.76
N SER A 180 9.26 0.27 -12.58
CA SER A 180 9.04 0.74 -13.94
C SER A 180 8.19 -0.27 -14.75
N ARG A 181 8.53 -1.57 -14.66
CA ARG A 181 7.77 -2.62 -15.36
C ARG A 181 6.28 -2.57 -14.97
N THR A 182 6.00 -2.49 -13.67
CA THR A 182 4.59 -2.49 -13.25
C THR A 182 3.90 -1.18 -13.63
N LEU A 183 4.62 -0.07 -13.57
CA LEU A 183 4.05 1.19 -14.07
C LEU A 183 3.66 1.08 -15.55
N PHE A 184 4.47 0.38 -16.33
CA PHE A 184 4.14 0.17 -17.73
C PHE A 184 3.05 -0.87 -18.01
N ASN A 185 2.54 -1.52 -16.95
CA ASN A 185 1.37 -2.36 -17.05
C ASN A 185 0.09 -1.61 -16.61
N MET A 186 0.20 -0.28 -16.48
CA MET A 186 -0.96 0.60 -16.23
C MET A 186 -1.29 1.41 -17.47
N ARG A 187 -2.57 1.48 -17.77
CA ARG A 187 -3.05 2.34 -18.86
C ARG A 187 -2.75 3.78 -18.40
N PRO A 188 -2.11 4.62 -19.22
CA PRO A 188 -1.75 5.98 -18.75
C PRO A 188 -2.91 6.84 -18.17
N ASP A 189 -4.08 6.74 -18.77
CA ASP A 189 -5.24 7.52 -18.28
C ASP A 189 -5.64 7.11 -16.87
N ILE A 190 -5.53 5.81 -16.58
CA ILE A 190 -5.82 5.25 -15.28
C ILE A 190 -4.74 5.65 -14.27
N ALA A 191 -3.47 5.57 -14.66
CA ALA A 191 -2.41 6.03 -13.79
C ALA A 191 -2.65 7.49 -13.36
N ARG A 192 -3.03 8.35 -14.30
CA ARG A 192 -3.27 9.76 -13.99
C ARG A 192 -4.45 9.95 -13.06
N SER A 193 -5.57 9.28 -13.34
CA SER A 193 -6.75 9.48 -12.50
C SER A 193 -6.54 8.91 -11.08
N VAL A 194 -5.87 7.77 -10.97
CA VAL A 194 -5.59 7.21 -9.65
C VAL A 194 -4.59 8.10 -8.92
N PHE A 195 -3.54 8.58 -9.60
CA PHE A 195 -2.59 9.52 -9.00
C PHE A 195 -3.31 10.74 -8.39
N ARG A 196 -4.23 11.30 -9.14
CA ARG A 196 -5.03 12.44 -8.68
C ARG A 196 -5.91 12.10 -7.49
N THR A 197 -6.58 10.95 -7.56
CA THR A 197 -7.38 10.48 -6.43
C THR A 197 -6.52 10.47 -5.22
N ILE A 198 -5.35 9.86 -5.30
CA ILE A 198 -4.51 9.67 -4.12
C ILE A 198 -4.05 11.00 -3.55
N PHE A 199 -3.50 11.88 -4.41
CA PHE A 199 -3.01 13.15 -3.91
C PHE A 199 -4.09 14.10 -3.41
N THR A 200 -5.35 13.90 -3.80
CA THR A 200 -6.43 14.74 -3.33
C THR A 200 -7.28 14.08 -2.24
N SER A 201 -6.85 12.90 -1.76
CA SER A 201 -7.49 12.21 -0.65
C SER A 201 -6.84 12.60 0.66
N ASP A 202 -7.64 12.64 1.70
CA ASP A 202 -7.17 13.02 3.03
C ASP A 202 -7.89 12.09 4.00
N LEU A 203 -7.13 11.14 4.54
CA LEU A 203 -7.69 10.08 5.36
C LEU A 203 -7.46 10.28 6.85
N ARG A 204 -6.92 11.46 7.22
CA ARG A 204 -6.54 11.66 8.60
C ARG A 204 -7.66 11.45 9.60
N ASP A 205 -8.87 11.89 9.26
CA ASP A 205 -10.08 11.82 10.09
CA ASP A 205 -9.90 11.83 10.29
C ASP A 205 -10.53 10.41 10.39
N TYR A 206 -10.09 9.43 9.60
CA TYR A 206 -10.47 8.04 9.83
C TYR A 206 -9.71 7.43 10.98
N LEU A 207 -8.53 7.94 11.30
CA LEU A 207 -7.60 7.18 12.14
C LEU A 207 -8.18 6.83 13.50
N GLY A 208 -8.85 7.78 14.15
CA GLY A 208 -9.38 7.53 15.48
C GLY A 208 -10.47 6.50 15.53
N ARG A 209 -11.07 6.19 14.36
CA ARG A 209 -12.11 5.18 14.28
C ARG A 209 -11.53 3.79 14.11
N VAL A 210 -10.25 3.68 13.79
CA VAL A 210 -9.59 2.36 13.67
C VAL A 210 -9.40 1.81 15.06
N THR A 211 -9.83 0.55 15.27
CA THR A 211 -9.76 -0.10 16.57
C THR A 211 -8.95 -1.37 16.58
N VAL A 212 -8.68 -1.98 15.44
CA VAL A 212 -7.86 -3.20 15.41
C VAL A 212 -6.39 -2.81 15.58
N PRO A 213 -5.56 -3.72 16.09
CA PRO A 213 -4.17 -3.40 16.31
C PRO A 213 -3.46 -3.02 15.01
N CYS A 214 -2.64 -1.98 15.06
CA CYS A 214 -1.88 -1.50 13.93
C CYS A 214 -0.38 -1.52 14.19
N HIS A 215 0.35 -2.20 13.32
CA HIS A 215 1.80 -2.23 13.34
C HIS A 215 2.26 -1.33 12.23
N ILE A 216 3.01 -0.28 12.56
CA ILE A 216 3.24 0.83 11.63
C ILE A 216 4.72 0.84 11.29
N ILE A 217 5.07 0.38 10.08
CA ILE A 217 6.45 0.17 9.67
C ILE A 217 6.75 1.09 8.50
N GLN A 218 7.92 1.72 8.50
CA GLN A 218 8.30 2.51 7.32
C GLN A 218 9.81 2.63 7.26
N SER A 219 10.29 3.05 6.10
CA SER A 219 11.68 3.43 5.93
C SER A 219 11.98 4.76 6.61
N SER A 220 13.17 4.88 7.18
CA SER A 220 13.55 6.16 7.77
CA SER A 220 13.66 6.12 7.74
C SER A 220 13.81 7.20 6.67
N ARG A 221 14.16 6.77 5.46
CA ARG A 221 14.49 7.69 4.37
C ARG A 221 13.61 7.42 3.16
N ASP A 222 12.34 7.84 3.28
CA ASP A 222 11.32 7.67 2.24
C ASP A 222 10.88 9.05 1.82
N MET A 223 11.15 9.38 0.56
CA MET A 223 10.76 10.66 0.01
C MET A 223 9.30 11.00 0.10
N ALA A 224 8.46 9.99 0.19
CA ALA A 224 7.04 10.19 0.24
C ALA A 224 6.43 10.17 1.63
N VAL A 225 7.20 9.75 2.65
CA VAL A 225 6.66 9.49 3.98
C VAL A 225 7.70 9.93 4.99
N PRO A 226 7.61 11.18 5.43
CA PRO A 226 8.47 11.64 6.51
C PRO A 226 8.38 10.72 7.72
N VAL A 227 9.46 10.60 8.48
CA VAL A 227 9.48 9.70 9.63
C VAL A 227 8.40 10.03 10.65
N SER A 228 8.05 11.31 10.78
CA SER A 228 7.00 11.73 11.68
C SER A 228 5.62 11.17 11.36
N VAL A 229 5.39 10.72 10.13
CA VAL A 229 4.09 10.17 9.79
C VAL A 229 3.77 8.88 10.57
N ALA A 230 4.77 8.00 10.77
CA ALA A 230 4.50 6.78 11.54
C ALA A 230 3.97 7.14 12.93
N GLY A 231 4.65 8.09 13.59
CA GLY A 231 4.23 8.55 14.90
C GLY A 231 2.86 9.21 14.89
N TYR A 232 2.58 9.97 13.83
CA TYR A 232 1.28 10.59 13.66
C TYR A 232 0.17 9.51 13.71
N ILE A 233 0.35 8.45 12.92
CA ILE A 233 -0.64 7.38 12.87
C ILE A 233 -0.77 6.74 14.25
N HIS A 234 0.39 6.42 14.82
CA HIS A 234 0.44 5.80 16.17
C HIS A 234 -0.34 6.59 17.20
N ASN A 235 -0.18 7.90 17.16
CA ASN A 235 -0.80 8.77 18.17
C ASN A 235 -2.31 8.93 18.00
N ARG A 236 -2.82 8.57 16.81
CA ARG A 236 -4.18 8.90 16.45
C ARG A 236 -5.10 7.70 16.31
N VAL A 237 -4.57 6.48 16.10
CA VAL A 237 -5.48 5.35 15.98
C VAL A 237 -6.20 5.04 17.28
N GLY A 238 -7.33 4.38 17.20
CA GLY A 238 -8.23 4.14 18.34
C GLY A 238 -8.01 2.86 19.12
N GLY A 239 -7.14 1.98 18.64
CA GLY A 239 -6.79 0.75 19.34
C GLY A 239 -5.32 0.67 19.64
N ARG A 240 -4.83 -0.55 19.78
CA ARG A 240 -3.41 -0.77 20.05
C ARG A 240 -2.56 -0.44 18.82
N SER A 241 -1.32 -0.04 19.04
CA SER A 241 -0.42 0.21 17.95
C SER A 241 1.03 0.16 18.38
N VAL A 242 1.93 -0.05 17.43
CA VAL A 242 3.35 0.00 17.62
CA VAL A 242 3.38 0.01 17.62
C VAL A 242 3.99 0.54 16.34
N VAL A 243 5.13 1.21 16.48
CA VAL A 243 5.89 1.77 15.38
C VAL A 243 7.24 1.10 15.25
N GLU A 244 7.68 0.83 14.02
CA GLU A 244 9.05 0.47 13.77
C GLU A 244 9.53 1.15 12.50
N VAL A 245 10.49 2.05 12.68
CA VAL A 245 11.14 2.75 11.59
C VAL A 245 12.43 2.02 11.26
N MET A 246 12.56 1.55 10.04
CA MET A 246 13.70 0.76 9.61
C MET A 246 14.78 1.66 9.06
N ASN A 247 16.01 1.18 9.22
CA ASN A 247 17.13 1.85 8.59
C ASN A 247 17.22 1.39 7.10
N THR A 248 16.30 1.93 6.31
CA THR A 248 16.17 1.65 4.88
C THR A 248 15.83 2.96 4.17
N GLU A 249 16.10 3.00 2.87
CA GLU A 249 15.68 4.07 1.98
C GLU A 249 14.56 3.55 1.11
N GLY A 250 13.65 4.45 0.76
CA GLY A 250 12.69 4.19 -0.30
C GLY A 250 11.32 3.78 0.17
N HIS A 251 10.39 3.92 -0.77
CA HIS A 251 8.99 3.67 -0.49
C HIS A 251 8.57 2.20 -0.59
N LEU A 252 9.38 1.38 -1.26
CA LEU A 252 9.10 -0.04 -1.46
C LEU A 252 10.25 -0.86 -0.88
N PRO A 253 10.50 -0.74 0.43
CA PRO A 253 11.67 -1.44 0.98
C PRO A 253 11.54 -2.96 0.99
N GLN A 254 10.32 -3.49 0.92
CA GLN A 254 10.17 -4.93 0.78
C GLN A 254 10.70 -5.46 -0.55
N LEU A 255 10.85 -4.56 -1.53
CA LEU A 255 11.40 -4.91 -2.82
C LEU A 255 12.87 -4.48 -2.92
N SER A 256 13.22 -3.30 -2.43
CA SER A 256 14.56 -2.73 -2.59
C SER A 256 15.54 -3.10 -1.46
N ALA A 257 15.07 -3.43 -0.26
CA ALA A 257 15.92 -3.77 0.89
C ALA A 257 15.35 -4.95 1.66
N PRO A 258 15.06 -6.07 0.95
CA PRO A 258 14.39 -7.18 1.64
C PRO A 258 15.18 -7.77 2.79
N GLU A 259 16.51 -7.72 2.70
CA GLU A 259 17.33 -8.26 3.77
C GLU A 259 17.04 -7.59 5.12
N VAL A 260 16.67 -6.30 5.09
CA VAL A 260 16.27 -5.56 6.27
C VAL A 260 14.77 -5.64 6.51
N ALA A 261 13.98 -5.41 5.48
CA ALA A 261 12.54 -5.23 5.66
C ALA A 261 11.79 -6.53 5.90
N ILE A 262 12.21 -7.62 5.25
CA ILE A 262 11.46 -8.85 5.40
C ILE A 262 11.46 -9.36 6.87
N PRO A 263 12.61 -9.40 7.56
CA PRO A 263 12.57 -9.84 8.96
C PRO A 263 11.71 -8.94 9.84
N VAL A 264 11.69 -7.63 9.56
CA VAL A 264 10.84 -6.73 10.34
C VAL A 264 9.35 -7.05 10.11
N LEU A 265 8.98 -7.20 8.84
CA LEU A 265 7.60 -7.55 8.50
C LEU A 265 7.18 -8.85 9.15
N LEU A 266 8.06 -9.85 9.11
CA LEU A 266 7.72 -11.15 9.70
C LEU A 266 7.49 -11.06 11.20
N ARG A 267 8.32 -10.27 11.89
CA ARG A 267 8.13 -10.12 13.33
C ARG A 267 6.77 -9.51 13.65
N HIS A 268 6.36 -8.51 12.88
CA HIS A 268 5.10 -7.83 13.13
C HIS A 268 3.89 -8.66 12.70
N ILE A 269 4.04 -9.49 11.68
CA ILE A 269 2.99 -10.39 11.28
C ILE A 269 2.76 -11.43 12.37
N LYS A 270 3.87 -12.02 12.83
CA LYS A 270 3.80 -13.23 13.66
C LYS A 270 3.54 -12.95 15.13
N ASN A 271 3.76 -11.73 15.62
CA ASN A 271 3.70 -11.42 17.06
C ASN A 271 2.71 -10.30 17.36
N ASP A 272 1.98 -10.47 18.47
CA ASP A 272 0.99 -9.52 18.92
C ASP A 272 1.62 -8.35 19.59
N ILE A 273 0.92 -7.23 19.58
CA ILE A 273 1.12 -6.13 20.50
C ILE A 273 0.44 -6.54 21.82
N ASP A 274 1.17 -6.71 22.91
CA ASP A 274 2.64 -6.81 22.95
C ASP A 274 3.06 -7.75 24.09
O01 KKN B . 5.44 8.36 -3.67
C02 KKN B . 4.51 7.40 -3.18
C03 KKN B . 3.24 7.44 -3.69
C04 KKN B . 2.83 8.26 -4.67
C05 KKN B . 3.71 9.17 -5.14
C06 KKN B . 5.02 9.19 -4.65
C07 KKN B . 1.51 7.97 -4.88
C08 KKN B . 1.21 6.96 -4.04
O09 KKN B . 0.12 6.39 -3.90
O10 KKN B . 2.30 6.63 -3.32
C11 KKN B . 0.52 8.59 -5.87
C FMT C . -0.03 -14.39 14.08
O1 FMT C . -0.07 -15.46 13.59
O2 FMT C . -0.83 -14.02 15.10
C FMT D . -3.12 17.45 11.82
O1 FMT D . -3.54 16.63 11.02
O2 FMT D . -3.01 18.73 11.55
C FMT E . -18.82 -0.60 -10.41
O1 FMT E . -17.95 -0.27 -9.60
O2 FMT E . -19.20 -1.88 -10.50
C FMT F . -9.84 -6.96 15.65
O1 FMT F . -8.84 -7.43 16.19
O2 FMT F . -10.63 -7.55 14.72
C FMT G . -17.20 7.52 -10.83
O1 FMT G . -18.15 8.23 -10.89
O2 FMT G . -17.20 6.45 -10.06
C FMT H . 15.05 -8.44 12.47
O1 FMT H . 14.57 -8.98 13.47
O2 FMT H . 14.69 -7.21 12.17
C FMT I . -17.75 11.52 9.05
O1 FMT I . -18.17 10.47 9.40
O2 FMT I . -17.47 12.32 10.04
C FMT J . -1.27 -25.49 0.03
O1 FMT J . -1.49 -26.37 0.85
O2 FMT J . -0.37 -25.67 -0.94
C FMT K . 5.45 -7.12 17.22
O1 FMT K . 5.27 -6.84 18.42
O2 FMT K . 6.70 -7.07 16.76
NA NA L . 0.03 -11.69 16.32
NA NA M . -17.56 -9.21 -6.74
NA NA N . -13.48 4.53 -12.03
C1 EDO O . 9.75 -21.87 1.38
O1 EDO O . 9.59 -20.66 0.61
C2 EDO O . 9.48 -23.16 0.57
O2 EDO O . 10.63 -24.02 0.72
C1 EDO P . -0.16 15.14 16.05
O1 EDO P . -0.62 16.08 15.03
C2 EDO P . -0.05 13.61 16.11
O2 EDO P . 1.38 13.24 16.33
C1 EDO Q . -20.99 -8.85 3.44
O1 EDO Q . -21.11 -8.73 2.03
C2 EDO Q . -21.95 -8.12 4.39
O2 EDO Q . -23.13 -8.84 4.88
C1 EDO R . -10.98 -3.79 17.67
O1 EDO R . -12.34 -3.71 17.26
C2 EDO R . -10.59 -5.01 18.50
O2 EDO R . -9.25 -5.42 18.16
C1 EDO S . 3.16 14.24 10.76
O1 EDO S . 4.30 14.27 9.93
C2 EDO S . 3.14 15.37 11.79
O2 EDO S . 2.67 16.57 11.19
C BEZ T . -16.41 5.45 3.17
O1 BEZ T . -15.41 5.52 3.91
O2 BEZ T . -17.03 6.45 2.74
C1 BEZ T . -16.90 4.10 2.74
C2 BEZ T . -18.26 3.89 2.55
C3 BEZ T . -18.72 2.64 2.14
C4 BEZ T . -17.84 1.62 1.91
C5 BEZ T . -16.48 1.82 2.08
C6 BEZ T . -16.01 3.06 2.50
#